data_5UB4
#
_entry.id   5UB4
#
_cell.length_a   66.880
_cell.length_b   67.094
_cell.length_c   113.492
_cell.angle_alpha   90.00
_cell.angle_beta   90.00
_cell.angle_gamma   90.00
#
_symmetry.space_group_name_H-M   'P 21 21 21'
#
loop_
_entity.id
_entity.type
_entity.pdbx_description
1 polymer 'Phosphate-binding protein'
2 non-polymer 'CHLORIDE ION'
3 non-polymer 'PHOSPHATE ION'
4 water water
#
_entity_poly.entity_id   1
_entity_poly.type   'polypeptide(L)'
_entity_poly.pdbx_seq_one_letter_code
;MSSVLVLGRISDDPASHYEQLKPLLDYVVPRMREVGIRRGEILMAPDARQMSSYLRRGRVDWVSETTGAAMLLEQRGSAH
PLLMTERGGLRDFHTLFFVRRDSPIHSLSQLRGHTLALQNASSTSGYLLPMLELLRNGIACDVLLSADDTPARGSAGYLM
VGSKLNVAAFVHKHLIDVGALSNVDWDDERHMPPVFKRDFRIVHRTAPVPRAVEMVRTGMDPAVEQRLRVVLLQAASDPK
AGPALKRFFDTTGFRPLDPTSRRRLQELSAGVQRVRDHVE
;
_entity_poly.pdbx_strand_id   A,B
#
# COMPACT_ATOMS: atom_id res chain seq x y z
N SER A 2 32.68 3.99 4.03
CA SER A 2 31.42 4.38 4.74
C SER A 2 31.58 5.63 5.62
N SER A 3 32.76 6.23 5.67
CA SER A 3 32.94 7.63 6.03
C SER A 3 32.73 8.58 4.80
N VAL A 4 32.68 8.01 3.59
CA VAL A 4 32.49 8.75 2.37
C VAL A 4 31.14 8.38 1.82
N LEU A 5 30.42 9.36 1.29
CA LEU A 5 29.17 9.10 0.47
C LEU A 5 29.50 9.33 -0.98
N VAL A 6 29.28 8.32 -1.81
CA VAL A 6 29.61 8.40 -3.21
C VAL A 6 28.30 8.49 -4.02
N LEU A 7 28.18 9.55 -4.79
CA LEU A 7 27.02 9.78 -5.66
C LEU A 7 27.48 9.54 -7.07
N GLY A 8 26.61 8.96 -7.87
CA GLY A 8 26.94 8.83 -9.29
C GLY A 8 25.73 8.74 -10.16
N ARG A 9 25.98 8.42 -11.43
CA ARG A 9 24.97 8.12 -12.42
C ARG A 9 25.64 7.43 -13.60
N ILE A 10 24.82 6.80 -14.41
CA ILE A 10 25.23 6.26 -15.68
C ILE A 10 25.39 7.43 -16.61
N SER A 11 26.54 7.50 -17.25
CA SER A 11 26.88 8.69 -18.01
C SER A 11 27.79 8.35 -19.15
N ASP A 12 27.36 8.74 -20.33
CA ASP A 12 28.21 8.71 -21.54
C ASP A 12 28.92 10.04 -21.76
N ASP A 13 29.00 10.90 -20.75
CA ASP A 13 29.59 12.24 -20.88
C ASP A 13 29.90 12.85 -19.50
N PRO A 14 30.78 12.18 -18.74
CA PRO A 14 31.06 12.57 -17.35
C PRO A 14 31.60 14.01 -17.13
N ALA A 15 32.28 14.55 -18.13
CA ALA A 15 32.79 15.95 -18.09
C ALA A 15 31.67 16.95 -17.87
N SER A 16 30.56 16.70 -18.58
CA SER A 16 29.34 17.52 -18.46
C SER A 16 28.50 17.20 -17.25
N HIS A 17 28.43 15.93 -16.88
CA HIS A 17 27.45 15.52 -15.88
C HIS A 17 27.98 15.68 -14.49
N TYR A 18 29.30 15.84 -14.32
CA TYR A 18 29.87 16.08 -12.99
C TYR A 18 29.20 17.23 -12.28
N GLU A 19 28.93 18.30 -13.00
CA GLU A 19 28.36 19.56 -12.47
C GLU A 19 26.90 19.42 -12.08
N GLN A 20 26.25 18.41 -12.63
CA GLN A 20 24.88 18.07 -12.23
C GLN A 20 24.76 17.44 -10.86
N LEU A 21 25.86 16.81 -10.42
CA LEU A 21 25.87 16.03 -9.20
C LEU A 21 26.55 16.73 -8.00
N LYS A 22 27.65 17.44 -8.26
N LYS A 22 27.64 17.44 -8.29
CA LYS A 22 28.48 17.99 -7.18
CA LYS A 22 28.50 18.03 -7.25
C LYS A 22 27.72 18.96 -6.28
C LYS A 22 27.73 18.96 -6.31
N PRO A 23 26.91 19.87 -6.85
CA PRO A 23 26.16 20.77 -5.96
C PRO A 23 25.23 20.03 -4.98
N LEU A 24 24.45 19.06 -5.44
CA LEU A 24 23.55 18.39 -4.45
C LEU A 24 24.37 17.58 -3.46
N LEU A 25 25.47 16.97 -3.92
CA LEU A 25 26.37 16.26 -3.01
C LEU A 25 26.94 17.20 -1.97
N ASP A 26 27.31 18.42 -2.36
CA ASP A 26 27.85 19.43 -1.42
C ASP A 26 26.80 19.83 -0.43
N TYR A 27 25.55 19.88 -0.86
CA TYR A 27 24.41 20.15 0.08
C TYR A 27 24.16 18.98 1.07
N VAL A 28 24.20 17.76 0.53
CA VAL A 28 23.85 16.58 1.33
C VAL A 28 24.89 16.21 2.46
N VAL A 29 26.17 16.20 2.10
CA VAL A 29 27.25 15.63 2.92
C VAL A 29 27.30 16.21 4.34
N PRO A 30 27.32 17.55 4.49
CA PRO A 30 27.27 18.15 5.84
C PRO A 30 26.02 17.82 6.67
N ARG A 31 24.91 17.53 5.99
CA ARG A 31 23.72 17.14 6.66
C ARG A 31 23.68 15.70 7.07
N MET A 32 24.77 14.95 6.80
CA MET A 32 24.86 13.54 7.08
C MET A 32 25.92 13.24 8.15
N ARG A 33 26.45 14.27 8.78
CA ARG A 33 27.52 14.07 9.75
C ARG A 33 27.16 13.16 10.87
N GLU A 34 25.93 13.31 11.35
CA GLU A 34 25.48 12.55 12.49
C GLU A 34 25.33 11.04 12.18
N VAL A 35 25.36 10.63 10.90
CA VAL A 35 25.45 9.19 10.64
C VAL A 35 26.83 8.73 10.17
N GLY A 36 27.87 9.49 10.50
CA GLY A 36 29.23 9.06 10.15
C GLY A 36 29.77 9.50 8.80
N ILE A 37 29.01 10.23 8.01
CA ILE A 37 29.54 10.72 6.73
C ILE A 37 30.39 11.96 7.01
N ARG A 38 31.61 11.97 6.50
CA ARG A 38 32.44 13.17 6.60
C ARG A 38 32.72 13.82 5.28
N ARG A 39 32.64 13.07 4.18
CA ARG A 39 33.08 13.59 2.90
C ARG A 39 32.27 12.92 1.78
N GLY A 40 32.30 13.56 0.62
CA GLY A 40 31.66 13.09 -0.57
C GLY A 40 32.59 12.89 -1.74
N GLU A 41 32.16 12.02 -2.66
CA GLU A 41 32.84 11.81 -3.92
C GLU A 41 31.83 11.53 -5.02
N ILE A 42 32.19 11.84 -6.25
CA ILE A 42 31.38 11.54 -7.41
C ILE A 42 32.06 10.39 -8.17
N LEU A 43 31.32 9.36 -8.55
CA LEU A 43 31.79 8.30 -9.42
C LEU A 43 30.69 7.91 -10.38
N MET A 44 30.94 8.16 -11.67
CA MET A 44 30.00 7.86 -12.72
C MET A 44 30.49 6.61 -13.42
N ALA A 45 29.62 5.97 -14.19
CA ALA A 45 29.96 4.77 -14.97
C ALA A 45 29.39 4.83 -16.40
N PRO A 46 30.05 4.20 -17.38
CA PRO A 46 29.54 4.29 -18.77
C PRO A 46 28.21 3.60 -19.08
N ASP A 47 27.80 2.63 -18.29
CA ASP A 47 26.59 1.86 -18.57
C ASP A 47 26.15 1.18 -17.32
N ALA A 48 24.94 0.60 -17.38
CA ALA A 48 24.27 -0.03 -16.23
C ALA A 48 25.04 -1.22 -15.66
N ARG A 49 25.72 -1.93 -16.55
CA ARG A 49 26.47 -3.10 -16.11
C ARG A 49 27.65 -2.72 -15.28
N GLN A 50 28.42 -1.74 -15.75
CA GLN A 50 29.50 -1.20 -14.93
C GLN A 50 29.04 -0.55 -13.66
N MET A 51 27.99 0.27 -13.73
CA MET A 51 27.47 0.87 -12.49
C MET A 51 27.01 -0.19 -11.49
N SER A 52 26.37 -1.23 -12.01
CA SER A 52 25.96 -2.33 -11.16
C SER A 52 27.17 -2.96 -10.42
N SER A 53 28.27 -3.15 -11.14
CA SER A 53 29.51 -3.67 -10.53
C SER A 53 30.06 -2.74 -9.42
N TYR A 54 30.07 -1.45 -9.71
CA TYR A 54 30.42 -0.45 -8.68
C TYR A 54 29.52 -0.56 -7.45
N LEU A 55 28.22 -0.53 -7.69
CA LEU A 55 27.24 -0.65 -6.61
C LEU A 55 27.49 -1.89 -5.78
N ARG A 56 27.66 -3.04 -6.42
CA ARG A 56 27.79 -4.30 -5.71
C ARG A 56 29.07 -4.29 -4.93
N ARG A 57 30.12 -3.67 -5.48
CA ARG A 57 31.38 -3.62 -4.78
C ARG A 57 31.49 -2.45 -3.78
N GLY A 58 30.40 -1.73 -3.50
CA GLY A 58 30.49 -0.58 -2.57
C GLY A 58 31.27 0.63 -3.08
N ARG A 59 31.48 0.79 -4.37
CA ARG A 59 32.22 1.97 -4.84
C ARG A 59 31.33 3.16 -5.13
N VAL A 60 30.04 2.91 -5.31
CA VAL A 60 29.03 3.94 -5.44
C VAL A 60 27.91 3.63 -4.44
N ASP A 61 27.41 4.67 -3.75
CA ASP A 61 26.35 4.53 -2.74
C ASP A 61 24.93 4.88 -3.20
N TRP A 62 24.85 5.86 -4.09
CA TRP A 62 23.59 6.48 -4.41
C TRP A 62 23.66 6.94 -5.86
N VAL A 63 22.63 6.62 -6.67
CA VAL A 63 22.50 7.15 -8.03
C VAL A 63 21.07 7.68 -8.23
N SER A 64 20.88 8.63 -9.12
CA SER A 64 19.55 9.10 -9.53
C SER A 64 19.42 8.71 -10.97
N GLU A 65 18.43 7.88 -11.32
CA GLU A 65 18.33 7.31 -12.69
C GLU A 65 16.85 7.26 -13.08
N THR A 66 16.57 7.19 -14.38
CA THR A 66 15.22 6.93 -14.90
C THR A 66 14.90 5.51 -14.51
N THR A 67 13.61 5.18 -14.50
CA THR A 67 13.17 4.01 -13.79
C THR A 67 13.53 2.69 -14.46
N GLY A 68 13.68 2.68 -15.78
CA GLY A 68 14.11 1.43 -16.48
C GLY A 68 15.55 1.09 -16.13
N ALA A 69 16.45 2.06 -16.29
CA ALA A 69 17.84 1.87 -15.86
C ALA A 69 17.94 1.43 -14.42
N ALA A 70 17.10 2.02 -13.57
CA ALA A 70 17.08 1.73 -12.14
C ALA A 70 16.70 0.26 -11.92
N MET A 71 15.75 -0.24 -12.74
CA MET A 71 15.41 -1.66 -12.62
C MET A 71 16.50 -2.61 -13.11
N LEU A 72 17.28 -2.17 -14.07
CA LEU A 72 18.46 -2.94 -14.49
C LEU A 72 19.39 -3.13 -13.31
N LEU A 73 19.58 -2.05 -12.55
CA LEU A 73 20.47 -2.12 -11.38
C LEU A 73 19.86 -3.00 -10.29
N GLU A 74 18.56 -2.86 -10.07
CA GLU A 74 17.89 -3.74 -9.06
C GLU A 74 17.99 -5.21 -9.46
N GLN A 75 17.72 -5.52 -10.72
CA GLN A 75 17.78 -6.91 -11.19
C GLN A 75 19.13 -7.53 -11.05
N ARG A 76 20.16 -6.76 -11.32
CA ARG A 76 21.54 -7.22 -11.09
C ARG A 76 22.00 -7.28 -9.62
N GLY A 77 21.10 -7.10 -8.64
CA GLY A 77 21.40 -7.37 -7.23
C GLY A 77 22.13 -6.23 -6.52
N SER A 78 22.25 -5.07 -7.17
CA SER A 78 23.21 -4.06 -6.81
C SER A 78 22.63 -2.81 -6.07
N ALA A 79 21.32 -2.59 -6.17
CA ALA A 79 20.66 -1.50 -5.55
C ALA A 79 19.13 -1.65 -5.37
N HIS A 80 18.55 -0.75 -4.58
CA HIS A 80 17.12 -0.72 -4.28
C HIS A 80 16.64 0.72 -4.14
N PRO A 81 15.35 0.97 -4.42
CA PRO A 81 14.72 2.29 -4.42
C PRO A 81 14.75 2.93 -3.03
N LEU A 82 15.11 4.21 -2.98
CA LEU A 82 15.03 5.03 -1.78
C LEU A 82 13.81 5.93 -1.82
N LEU A 83 13.65 6.66 -2.94
CA LEU A 83 12.67 7.71 -3.12
C LEU A 83 12.26 7.81 -4.63
N MET A 84 10.99 8.08 -4.91
CA MET A 84 10.51 8.46 -6.28
C MET A 84 10.87 9.92 -6.51
N THR A 85 11.26 10.24 -7.74
CA THR A 85 11.86 11.54 -8.08
C THR A 85 11.02 12.16 -9.18
N GLU A 86 10.79 13.47 -9.02
CA GLU A 86 10.05 14.25 -9.99
C GLU A 86 11.04 15.16 -10.64
N ARG A 87 11.09 15.17 -11.97
CA ARG A 87 11.95 16.09 -12.73
C ARG A 87 11.17 17.01 -13.71
N GLY A 88 11.59 18.25 -13.86
CA GLY A 88 10.84 19.22 -14.69
C GLY A 88 9.38 19.34 -14.32
N GLY A 89 9.02 19.10 -13.05
CA GLY A 89 7.62 19.14 -12.62
C GLY A 89 6.74 17.97 -13.02
N LEU A 90 7.35 16.86 -13.46
CA LEU A 90 6.59 15.74 -13.96
C LEU A 90 6.99 14.51 -13.22
N ARG A 91 5.99 13.81 -12.75
CA ARG A 91 6.22 12.54 -12.09
C ARG A 91 6.41 11.39 -13.08
N ASP A 92 5.81 11.49 -14.28
CA ASP A 92 5.76 10.37 -15.28
C ASP A 92 6.38 10.76 -16.59
N PHE A 93 6.78 9.76 -17.36
CA PHE A 93 7.00 9.99 -18.78
C PHE A 93 6.64 8.73 -19.59
N HIS A 94 6.71 8.87 -20.90
CA HIS A 94 6.40 7.81 -21.81
C HIS A 94 7.20 7.93 -23.07
N THR A 95 7.30 6.83 -23.79
CA THR A 95 8.00 6.78 -25.05
C THR A 95 7.07 7.12 -26.22
N LEU A 96 7.54 7.96 -27.13
CA LEU A 96 6.86 8.10 -28.42
C LEU A 96 7.71 7.60 -29.56
N PHE A 97 7.04 7.09 -30.58
CA PHE A 97 7.69 6.67 -31.84
C PHE A 97 7.33 7.72 -32.84
N PHE A 98 8.34 8.22 -33.55
CA PHE A 98 8.12 9.23 -34.59
C PHE A 98 8.80 8.92 -35.93
N VAL A 99 8.23 9.46 -37.00
CA VAL A 99 8.75 9.33 -38.39
C VAL A 99 8.72 10.69 -39.13
N ARG A 100 9.34 10.73 -40.29
CA ARG A 100 9.15 11.87 -41.19
C ARG A 100 7.66 11.97 -41.59
N ARG A 101 7.10 13.17 -41.67
CA ARG A 101 5.68 13.33 -42.08
C ARG A 101 5.30 12.61 -43.38
N ASP A 102 6.23 12.67 -44.33
CA ASP A 102 6.13 12.06 -45.65
C ASP A 102 6.48 10.56 -45.68
N SER A 103 6.62 9.93 -44.50
CA SER A 103 6.83 8.48 -44.39
C SER A 103 5.51 7.80 -44.69
N PRO A 104 5.58 6.58 -45.20
CA PRO A 104 4.39 5.75 -45.32
C PRO A 104 3.99 5.08 -44.00
N ILE A 105 4.81 5.17 -42.96
CA ILE A 105 4.46 4.60 -41.64
C ILE A 105 3.43 5.48 -40.85
N HIS A 106 2.29 4.89 -40.46
CA HIS A 106 1.26 5.57 -39.64
C HIS A 106 0.95 4.92 -38.26
N SER A 107 1.46 3.73 -37.99
CA SER A 107 1.21 3.03 -36.75
C SER A 107 2.42 2.18 -36.39
N LEU A 108 2.43 1.70 -35.15
CA LEU A 108 3.52 0.82 -34.70
C LEU A 108 3.68 -0.48 -35.53
N SER A 109 2.55 -1.09 -35.94
CA SER A 109 2.56 -2.34 -36.74
C SER A 109 3.32 -2.19 -38.04
N GLN A 110 3.24 -1.01 -38.64
CA GLN A 110 3.97 -0.73 -39.89
C GLN A 110 5.47 -0.50 -39.73
N LEU A 111 6.01 -0.66 -38.51
CA LEU A 111 7.45 -0.82 -38.33
C LEU A 111 7.99 -2.03 -39.04
N ARG A 112 7.19 -3.08 -39.21
CA ARG A 112 7.63 -4.29 -39.96
C ARG A 112 8.15 -3.91 -41.34
N GLY A 113 9.37 -4.34 -41.65
CA GLY A 113 10.07 -3.92 -42.84
C GLY A 113 10.96 -2.71 -42.73
N HIS A 114 11.02 -2.06 -41.57
CA HIS A 114 11.61 -0.75 -41.45
C HIS A 114 12.58 -0.71 -40.29
N THR A 115 13.32 0.38 -40.19
CA THR A 115 14.36 0.53 -39.18
C THR A 115 13.96 1.54 -38.13
N LEU A 116 14.59 1.34 -36.99
CA LEU A 116 14.27 2.05 -35.77
C LEU A 116 15.56 2.47 -35.16
N ALA A 117 15.65 3.76 -34.82
CA ALA A 117 16.83 4.33 -34.15
C ALA A 117 16.54 4.29 -32.66
N LEU A 118 17.40 3.58 -31.93
CA LEU A 118 17.39 3.55 -30.50
C LEU A 118 18.68 4.14 -29.94
N GLN A 119 18.71 4.30 -28.62
CA GLN A 119 19.85 5.00 -27.99
C GLN A 119 21.08 4.17 -27.52
N ASN A 120 20.93 3.54 -26.37
CA ASN A 120 21.89 2.66 -25.77
C ASN A 120 21.10 1.75 -24.78
N ALA A 121 21.76 0.69 -24.34
CA ALA A 121 21.09 -0.42 -23.62
C ALA A 121 20.60 0.02 -22.22
N SER A 122 21.11 1.14 -21.73
CA SER A 122 20.75 1.67 -20.43
C SER A 122 19.63 2.74 -20.48
N SER A 123 19.10 3.04 -21.66
CA SER A 123 18.09 4.10 -21.78
C SER A 123 16.69 3.53 -21.49
N THR A 124 15.94 4.20 -20.62
CA THR A 124 14.53 3.85 -20.39
C THR A 124 13.63 4.14 -21.59
N SER A 125 13.51 5.42 -21.93
CA SER A 125 12.65 5.89 -22.98
C SER A 125 13.15 5.65 -24.40
N GLY A 126 14.46 5.45 -24.54
CA GLY A 126 15.06 5.27 -25.85
C GLY A 126 15.52 3.88 -26.13
N TYR A 127 15.27 2.95 -25.21
CA TYR A 127 15.59 1.53 -25.47
C TYR A 127 14.65 0.53 -24.82
N LEU A 128 14.58 0.58 -23.50
CA LEU A 128 13.83 -0.42 -22.76
C LEU A 128 12.35 -0.39 -23.05
N LEU A 129 11.73 0.79 -22.91
CA LEU A 129 10.31 0.96 -23.22
C LEU A 129 9.93 0.70 -24.68
N PRO A 130 10.73 1.25 -25.64
CA PRO A 130 10.30 0.91 -27.01
C PRO A 130 10.47 -0.58 -27.35
N MET A 131 11.53 -1.22 -26.91
CA MET A 131 11.69 -2.68 -27.13
C MET A 131 10.60 -3.48 -26.43
N LEU A 132 10.23 -3.07 -25.22
CA LEU A 132 9.10 -3.70 -24.56
C LEU A 132 7.85 -3.58 -25.40
N GLU A 133 7.60 -2.38 -25.93
CA GLU A 133 6.40 -2.17 -26.69
C GLU A 133 6.36 -3.09 -27.90
N LEU A 134 7.51 -3.28 -28.53
CA LEU A 134 7.55 -4.09 -29.71
C LEU A 134 7.32 -5.55 -29.35
N LEU A 135 7.88 -6.02 -28.24
CA LEU A 135 7.63 -7.39 -27.80
C LEU A 135 6.13 -7.64 -27.57
N ARG A 136 5.48 -6.76 -26.86
CA ARG A 136 4.01 -6.84 -26.62
C ARG A 136 3.17 -6.96 -27.89
N ASN A 137 3.57 -6.24 -28.94
CA ASN A 137 2.86 -6.29 -30.21
C ASN A 137 3.36 -7.38 -31.21
N GLY A 138 4.25 -8.26 -30.75
CA GLY A 138 4.77 -9.32 -31.58
C GLY A 138 5.55 -8.85 -32.78
N ILE A 139 6.16 -7.68 -32.67
CA ILE A 139 6.87 -7.08 -33.79
C ILE A 139 8.37 -7.40 -33.63
N ALA A 140 8.87 -8.32 -34.46
CA ALA A 140 10.27 -8.72 -34.34
C ALA A 140 11.15 -7.56 -34.77
N CYS A 141 12.26 -7.40 -34.06
CA CYS A 141 13.18 -6.31 -34.28
C CYS A 141 14.61 -6.75 -34.06
N ASP A 142 15.31 -7.13 -35.13
CA ASP A 142 16.65 -7.71 -35.03
C ASP A 142 17.64 -6.53 -34.97
N VAL A 143 18.75 -6.71 -34.25
CA VAL A 143 19.80 -5.70 -34.29
C VAL A 143 20.37 -5.58 -35.71
N LEU A 144 20.51 -4.35 -36.19
CA LEU A 144 21.20 -4.11 -37.47
C LEU A 144 22.60 -3.60 -37.19
N LEU A 145 23.53 -3.98 -38.06
CA LEU A 145 24.92 -3.71 -37.85
C LEU A 145 25.34 -2.33 -38.26
N SER A 146 24.71 -1.76 -39.27
CA SER A 146 25.08 -0.45 -39.73
C SER A 146 23.93 0.13 -40.49
N ALA A 147 24.05 1.40 -40.87
CA ALA A 147 22.96 2.02 -41.64
C ALA A 147 22.75 1.41 -43.04
N ASP A 148 23.73 0.70 -43.58
CA ASP A 148 23.54 -0.08 -44.85
C ASP A 148 22.79 -1.41 -44.65
N ASP A 149 22.69 -1.87 -43.42
CA ASP A 149 22.06 -3.16 -43.14
C ASP A 149 20.54 -2.97 -43.16
N THR A 150 19.83 -4.02 -43.50
CA THR A 150 18.38 -3.94 -43.72
C THR A 150 17.66 -5.01 -42.96
N PRO A 151 16.44 -4.72 -42.54
CA PRO A 151 15.75 -5.75 -41.76
C PRO A 151 15.28 -6.89 -42.65
N ALA A 152 14.95 -8.00 -42.03
CA ALA A 152 14.32 -9.11 -42.77
C ALA A 152 12.93 -8.65 -43.16
N ARG A 153 12.39 -9.26 -44.19
CA ARG A 153 11.04 -8.90 -44.55
C ARG A 153 10.12 -9.55 -43.53
N GLY A 154 9.11 -8.79 -43.16
CA GLY A 154 8.28 -9.14 -42.04
C GLY A 154 8.85 -8.72 -40.70
N SER A 155 10.14 -8.41 -40.60
CA SER A 155 10.65 -7.98 -39.29
C SER A 155 11.06 -6.52 -39.36
N ALA A 156 11.08 -5.85 -38.23
CA ALA A 156 11.76 -4.57 -38.18
C ALA A 156 13.24 -4.82 -37.82
N GLY A 157 14.03 -3.76 -37.81
CA GLY A 157 15.40 -3.85 -37.28
C GLY A 157 15.74 -2.55 -36.57
N TYR A 158 16.68 -2.60 -35.64
CA TYR A 158 17.09 -1.42 -34.93
C TYR A 158 18.59 -1.15 -35.05
N LEU A 159 18.89 0.14 -34.95
CA LEU A 159 20.22 0.66 -34.91
C LEU A 159 20.44 1.50 -33.64
N MET A 160 21.53 1.24 -32.93
CA MET A 160 21.91 1.98 -31.74
C MET A 160 22.75 3.16 -32.25
N VAL A 161 22.23 4.37 -32.07
CA VAL A 161 22.93 5.57 -32.48
C VAL A 161 23.53 6.41 -31.33
N GLY A 162 23.40 5.97 -30.09
CA GLY A 162 23.97 6.68 -28.92
C GLY A 162 23.00 7.72 -28.35
N SER A 163 23.16 8.93 -28.83
CA SER A 163 22.56 10.09 -28.23
C SER A 163 21.13 10.30 -28.70
N LYS A 164 20.40 11.04 -27.89
CA LYS A 164 19.03 11.43 -28.25
C LYS A 164 18.97 12.27 -29.51
N LEU A 165 19.90 13.21 -29.64
CA LEU A 165 19.96 14.03 -30.84
C LEU A 165 20.20 13.16 -32.04
N ASN A 166 21.06 12.16 -31.91
CA ASN A 166 21.29 11.28 -33.05
C ASN A 166 20.04 10.58 -33.51
N VAL A 167 19.22 10.16 -32.56
CA VAL A 167 17.94 9.57 -32.92
C VAL A 167 17.16 10.56 -33.80
N ALA A 168 17.03 11.82 -33.35
CA ALA A 168 16.34 12.82 -34.17
C ALA A 168 17.04 13.01 -35.55
N ALA A 169 18.37 13.20 -35.52
CA ALA A 169 19.16 13.50 -36.76
C ALA A 169 19.07 12.36 -37.78
N PHE A 170 19.17 11.12 -37.30
CA PHE A 170 19.14 9.97 -38.22
C PHE A 170 17.83 9.80 -38.93
N VAL A 171 16.72 9.99 -38.20
CA VAL A 171 15.42 9.92 -38.86
C VAL A 171 15.19 11.15 -39.79
N HIS A 172 15.59 12.34 -39.35
CA HIS A 172 15.44 13.53 -40.18
C HIS A 172 16.12 13.44 -41.54
N LYS A 173 17.33 12.91 -41.52
CA LYS A 173 18.20 12.83 -42.67
C LYS A 173 17.95 11.54 -43.47
N HIS A 174 16.79 10.89 -43.28
CA HIS A 174 16.39 9.70 -44.02
C HIS A 174 17.34 8.51 -43.88
N LEU A 175 18.13 8.43 -42.83
CA LEU A 175 19.00 7.28 -42.68
C LEU A 175 18.29 6.11 -41.95
N ILE A 176 17.34 6.39 -41.06
CA ILE A 176 16.55 5.37 -40.33
C ILE A 176 15.06 5.77 -40.44
N ASP A 177 14.12 4.86 -40.48
CA ASP A 177 12.69 5.22 -40.66
C ASP A 177 11.97 5.77 -39.42
N VAL A 178 12.24 5.20 -38.26
CA VAL A 178 11.52 5.50 -37.02
C VAL A 178 12.49 5.83 -35.92
N GLY A 179 12.11 6.80 -35.08
CA GLY A 179 12.85 7.08 -33.86
C GLY A 179 12.03 6.85 -32.62
N ALA A 180 12.71 6.59 -31.51
CA ALA A 180 12.09 6.48 -30.16
C ALA A 180 12.75 7.53 -29.25
N LEU A 181 11.92 8.38 -28.64
CA LEU A 181 12.32 9.30 -27.55
C LEU A 181 11.15 9.49 -26.58
N SER A 182 11.45 9.99 -25.38
CA SER A 182 10.41 10.29 -24.37
C SER A 182 9.62 11.51 -24.82
N ASN A 183 8.39 11.60 -24.34
CA ASN A 183 7.54 12.77 -24.58
C ASN A 183 8.17 14.05 -24.05
N VAL A 184 8.95 13.95 -22.98
CA VAL A 184 9.72 15.08 -22.46
C VAL A 184 10.88 15.43 -23.41
N ASP A 185 11.63 14.42 -23.85
CA ASP A 185 12.73 14.64 -24.85
C ASP A 185 12.18 15.34 -26.11
N TRP A 186 10.97 14.96 -26.52
CA TRP A 186 10.29 15.56 -27.68
C TRP A 186 10.21 17.10 -27.63
N ASP A 187 10.01 17.65 -26.45
CA ASP A 187 9.89 19.11 -26.29
C ASP A 187 11.17 19.72 -25.79
N ASP A 188 12.25 18.94 -25.71
CA ASP A 188 13.52 19.48 -25.28
C ASP A 188 14.38 19.80 -26.51
N GLU A 189 14.65 21.09 -26.76
CA GLU A 189 15.34 21.49 -28.01
C GLU A 189 16.76 20.97 -28.24
N ARG A 190 17.50 20.62 -27.19
CA ARG A 190 18.84 19.97 -27.34
C ARG A 190 18.73 18.58 -27.97
N HIS A 191 17.71 17.84 -27.58
CA HIS A 191 17.46 16.51 -28.13
C HIS A 191 16.61 16.48 -29.38
N MET A 192 15.66 17.41 -29.56
N MET A 192 15.72 17.45 -29.50
CA MET A 192 14.80 17.39 -30.76
CA MET A 192 14.81 17.54 -30.58
C MET A 192 14.67 18.77 -31.40
C MET A 192 14.86 18.96 -31.10
N PRO A 193 15.74 19.23 -32.10
CA PRO A 193 15.73 20.58 -32.74
C PRO A 193 14.44 20.88 -33.50
N PRO A 194 13.93 22.12 -33.37
CA PRO A 194 12.69 22.44 -34.10
C PRO A 194 12.83 22.27 -35.61
N VAL A 195 14.00 22.58 -36.16
CA VAL A 195 14.27 22.33 -37.59
C VAL A 195 14.07 20.88 -38.02
N PHE A 196 14.32 19.91 -37.13
CA PHE A 196 13.95 18.52 -37.43
C PHE A 196 12.50 18.24 -37.07
N LYS A 197 12.10 18.74 -35.90
CA LYS A 197 10.79 18.46 -35.31
C LYS A 197 9.60 18.75 -36.21
N ARG A 198 9.66 19.89 -36.89
CA ARG A 198 8.61 20.23 -37.87
C ARG A 198 8.48 19.24 -39.00
N ASP A 199 9.52 18.44 -39.29
CA ASP A 199 9.36 17.45 -40.37
C ASP A 199 8.88 16.06 -39.90
N PHE A 200 8.53 15.94 -38.60
CA PHE A 200 8.16 14.69 -37.99
C PHE A 200 6.68 14.54 -37.58
N ARG A 201 6.26 13.31 -37.46
CA ARG A 201 4.93 12.98 -37.04
C ARG A 201 5.06 11.84 -36.00
N ILE A 202 4.26 11.91 -34.94
CA ILE A 202 4.23 10.89 -33.89
C ILE A 202 3.29 9.77 -34.30
N VAL A 203 3.78 8.53 -34.30
CA VAL A 203 2.95 7.39 -34.72
C VAL A 203 2.46 6.45 -33.61
N HIS A 204 3.00 6.57 -32.40
CA HIS A 204 2.65 5.68 -31.31
C HIS A 204 3.15 6.24 -29.98
N ARG A 205 2.41 5.96 -28.91
CA ARG A 205 2.81 6.33 -27.55
C ARG A 205 2.67 5.11 -26.66
N THR A 206 3.65 4.89 -25.80
CA THR A 206 3.57 3.86 -24.76
C THR A 206 2.84 4.35 -23.54
N ALA A 207 2.51 3.38 -22.68
CA ALA A 207 1.87 3.73 -21.40
C ALA A 207 2.95 4.47 -20.55
N PRO A 208 2.55 5.38 -19.66
CA PRO A 208 3.60 6.07 -18.90
C PRO A 208 4.18 5.23 -17.78
N VAL A 209 5.38 5.58 -17.36
CA VAL A 209 6.01 4.99 -16.18
C VAL A 209 6.49 6.18 -15.31
N PRO A 210 6.78 5.92 -14.01
CA PRO A 210 7.39 6.98 -13.23
C PRO A 210 8.72 7.39 -13.82
N ARG A 211 8.99 8.68 -13.78
CA ARG A 211 10.09 9.29 -14.51
C ARG A 211 11.47 8.90 -13.98
N ALA A 212 11.66 8.94 -12.67
CA ALA A 212 12.99 8.68 -12.07
C ALA A 212 12.86 8.25 -10.63
N VAL A 213 13.96 7.71 -10.12
CA VAL A 213 14.03 7.15 -8.79
C VAL A 213 15.45 7.31 -8.24
N GLU A 214 15.56 7.56 -6.92
CA GLU A 214 16.84 7.57 -6.20
C GLU A 214 17.06 6.14 -5.75
N MET A 215 18.19 5.58 -6.15
CA MET A 215 18.50 4.21 -5.74
C MET A 215 19.73 4.24 -4.83
N VAL A 216 19.77 3.34 -3.87
CA VAL A 216 20.96 3.20 -3.04
C VAL A 216 21.44 1.78 -3.04
N ARG A 217 22.73 1.63 -2.79
CA ARG A 217 23.35 0.33 -3.03
C ARG A 217 22.88 -0.72 -2.03
N THR A 218 22.87 -1.97 -2.49
CA THR A 218 22.83 -3.18 -1.66
C THR A 218 23.79 -3.05 -0.48
N GLY A 219 23.29 -3.30 0.72
CA GLY A 219 24.11 -3.28 1.94
C GLY A 219 24.49 -1.92 2.51
N MET A 220 23.94 -0.82 1.99
CA MET A 220 24.15 0.50 2.62
C MET A 220 23.74 0.38 4.06
N ASP A 221 24.51 0.98 4.92
CA ASP A 221 24.15 1.02 6.33
C ASP A 221 22.73 1.59 6.55
N PRO A 222 21.83 0.85 7.25
CA PRO A 222 20.44 1.37 7.40
C PRO A 222 20.33 2.79 7.97
N ALA A 223 21.27 3.19 8.83
CA ALA A 223 21.19 4.55 9.41
C ALA A 223 21.48 5.61 8.37
N VAL A 224 22.40 5.29 7.48
CA VAL A 224 22.82 6.21 6.44
C VAL A 224 21.71 6.32 5.45
N GLU A 225 21.14 5.18 5.09
CA GLU A 225 20.05 5.14 4.16
C GLU A 225 18.87 6.00 4.67
N GLN A 226 18.47 5.84 5.94
CA GLN A 226 17.24 6.53 6.44
C GLN A 226 17.51 8.04 6.52
N ARG A 227 18.76 8.41 6.78
CA ARG A 227 19.10 9.82 6.93
C ARG A 227 19.19 10.51 5.57
N LEU A 228 19.78 9.82 4.60
CA LEU A 228 19.81 10.34 3.29
C LEU A 228 18.38 10.63 2.78
N ARG A 229 17.48 9.71 3.05
CA ARG A 229 16.08 9.83 2.70
C ARG A 229 15.45 11.11 3.32
N VAL A 230 15.71 11.34 4.60
CA VAL A 230 15.16 12.49 5.29
C VAL A 230 15.77 13.74 4.70
N VAL A 231 17.09 13.73 4.47
CA VAL A 231 17.75 14.92 3.87
C VAL A 231 17.13 15.29 2.52
N LEU A 232 16.95 14.28 1.65
CA LEU A 232 16.47 14.58 0.31
C LEU A 232 14.99 15.02 0.36
N LEU A 233 14.19 14.37 1.18
CA LEU A 233 12.78 14.76 1.37
C LEU A 233 12.64 16.23 1.79
N GLN A 234 13.51 16.72 2.67
CA GLN A 234 13.45 18.13 3.05
C GLN A 234 14.18 19.13 2.13
N ALA A 235 14.98 18.66 1.18
CA ALA A 235 15.70 19.55 0.30
C ALA A 235 14.82 20.35 -0.63
N ALA A 236 13.77 19.73 -1.15
CA ALA A 236 12.86 20.38 -2.14
C ALA A 236 12.24 21.66 -1.62
N SER A 237 11.97 21.75 -0.31
CA SER A 237 11.47 22.99 0.28
C SER A 237 12.57 23.83 0.97
N ASP A 238 13.83 23.42 0.91
CA ASP A 238 14.91 24.25 1.37
C ASP A 238 15.40 25.19 0.24
N PRO A 239 15.32 26.56 0.44
CA PRO A 239 15.89 27.49 -0.56
C PRO A 239 17.39 27.30 -0.73
N LYS A 240 18.06 26.85 0.32
CA LYS A 240 19.48 26.56 0.26
C LYS A 240 19.78 25.40 -0.73
N ALA A 241 18.76 24.59 -1.09
CA ALA A 241 18.94 23.45 -2.01
C ALA A 241 18.47 23.76 -3.41
N GLY A 242 17.88 24.96 -3.60
CA GLY A 242 17.27 25.32 -4.88
C GLY A 242 18.18 25.24 -6.11
N PRO A 243 19.34 25.90 -6.04
CA PRO A 243 20.24 25.83 -7.19
C PRO A 243 20.79 24.42 -7.45
N ALA A 244 21.14 23.73 -6.38
CA ALA A 244 21.64 22.36 -6.48
C ALA A 244 20.64 21.44 -7.19
N LEU A 245 19.39 21.55 -6.78
CA LEU A 245 18.32 20.73 -7.34
C LEU A 245 18.09 21.04 -8.81
N LYS A 246 18.16 22.33 -9.18
CA LYS A 246 18.04 22.72 -10.59
C LYS A 246 19.08 22.01 -11.39
N ARG A 247 20.29 22.00 -10.87
CA ARG A 247 21.43 21.37 -11.56
C ARG A 247 21.28 19.83 -11.64
N PHE A 248 20.68 19.24 -10.58
CA PHE A 248 20.46 17.79 -10.47
C PHE A 248 19.25 17.40 -11.32
N PHE A 249 19.43 17.49 -12.63
CA PHE A 249 18.39 17.12 -13.65
C PHE A 249 17.07 17.85 -13.44
N ASP A 250 17.13 19.09 -12.95
CA ASP A 250 15.93 19.87 -12.65
C ASP A 250 14.95 19.08 -11.79
N THR A 251 15.46 18.55 -10.67
CA THR A 251 14.64 17.74 -9.78
C THR A 251 13.75 18.72 -9.05
N THR A 252 12.45 18.51 -9.12
CA THR A 252 11.45 19.43 -8.55
C THR A 252 10.73 18.77 -7.39
N GLY A 253 11.04 17.51 -7.08
CA GLY A 253 10.38 16.81 -6.01
C GLY A 253 10.99 15.44 -5.70
N PHE A 254 10.89 15.03 -4.45
CA PHE A 254 11.15 13.63 -4.06
C PHE A 254 9.97 13.14 -3.23
N ARG A 255 9.66 11.85 -3.26
CA ARG A 255 8.62 11.39 -2.35
C ARG A 255 8.82 9.92 -1.98
N PRO A 256 8.24 9.50 -0.86
CA PRO A 256 8.33 8.13 -0.41
C PRO A 256 7.81 7.16 -1.45
N LEU A 257 8.36 5.96 -1.45
CA LEU A 257 7.75 4.89 -2.19
C LEU A 257 6.45 4.55 -1.50
N ASP A 258 5.42 4.40 -2.29
CA ASP A 258 4.13 4.03 -1.80
C ASP A 258 3.67 2.78 -2.57
N PRO A 259 2.54 2.21 -2.17
CA PRO A 259 2.20 0.92 -2.78
C PRO A 259 2.02 1.02 -4.30
N THR A 260 1.50 2.13 -4.78
CA THR A 260 1.26 2.30 -6.19
C THR A 260 2.63 2.33 -6.91
N SER A 261 3.56 3.13 -6.40
CA SER A 261 4.85 3.32 -7.14
C SER A 261 5.64 2.03 -7.07
N ARG A 262 5.51 1.33 -5.94
CA ARG A 262 6.16 -0.01 -5.80
C ARG A 262 5.61 -0.99 -6.82
N ARG A 263 4.31 -1.00 -7.01
CA ARG A 263 3.70 -1.90 -7.99
C ARG A 263 4.07 -1.52 -9.42
N ARG A 264 4.16 -0.23 -9.71
CA ARG A 264 4.55 0.21 -11.06
C ARG A 264 5.99 -0.15 -11.38
N LEU A 265 6.87 -0.05 -10.39
CA LEU A 265 8.27 -0.44 -10.57
C LEU A 265 8.39 -1.92 -10.73
N GLN A 266 7.54 -2.65 -10.02
CA GLN A 266 7.46 -4.13 -10.15
C GLN A 266 7.04 -4.49 -11.58
N GLU A 267 6.02 -3.82 -12.12
CA GLU A 267 5.57 -4.05 -13.50
C GLU A 267 6.63 -3.72 -14.51
N LEU A 268 7.26 -2.55 -14.36
CA LEU A 268 8.33 -2.13 -15.26
C LEU A 268 9.53 -3.08 -15.16
N SER A 269 9.92 -3.43 -13.94
CA SER A 269 10.93 -4.44 -13.77
C SER A 269 10.61 -5.79 -14.47
N ALA A 270 9.38 -6.30 -14.38
CA ALA A 270 9.02 -7.47 -15.20
C ALA A 270 9.26 -7.26 -16.72
N GLY A 271 8.83 -6.12 -17.23
CA GLY A 271 9.00 -5.76 -18.61
C GLY A 271 10.46 -5.62 -19.01
N VAL A 272 11.29 -5.06 -18.14
CA VAL A 272 12.69 -4.90 -18.42
C VAL A 272 13.36 -6.24 -18.47
N GLN A 273 13.00 -7.11 -17.51
CA GLN A 273 13.49 -8.48 -17.47
C GLN A 273 13.10 -9.21 -18.76
N ARG A 274 11.88 -9.04 -19.21
CA ARG A 274 11.48 -9.63 -20.48
C ARG A 274 12.29 -9.10 -21.66
N VAL A 275 12.50 -7.78 -21.75
CA VAL A 275 13.41 -7.25 -22.79
C VAL A 275 14.81 -7.92 -22.72
N ARG A 276 15.37 -7.99 -21.53
CA ARG A 276 16.68 -8.58 -21.37
C ARG A 276 16.71 -10.07 -21.75
N ASP A 277 15.64 -10.78 -21.44
CA ASP A 277 15.56 -12.20 -21.76
C ASP A 277 15.42 -12.46 -23.24
N HIS A 278 14.80 -11.54 -23.97
CA HIS A 278 14.53 -11.74 -25.40
C HIS A 278 15.18 -10.67 -26.28
N VAL A 279 16.31 -10.09 -25.85
CA VAL A 279 17.16 -9.23 -26.70
C VAL A 279 18.64 -9.38 -26.41
N SER B 2 -25.04 -24.88 38.12
CA SER B 2 -23.77 -24.45 38.78
C SER B 2 -24.02 -23.24 39.67
N SER B 3 -23.31 -23.16 40.78
CA SER B 3 -23.28 -22.02 41.67
C SER B 3 -22.31 -20.91 41.28
N VAL B 4 -21.59 -21.09 40.18
CA VAL B 4 -20.69 -20.11 39.68
C VAL B 4 -21.19 -19.46 38.37
N LEU B 5 -21.15 -18.13 38.28
CA LEU B 5 -21.51 -17.47 36.99
C LEU B 5 -20.22 -17.00 36.39
N VAL B 6 -19.93 -17.38 35.14
CA VAL B 6 -18.69 -17.05 34.50
C VAL B 6 -18.91 -16.11 33.32
N LEU B 7 -18.25 -14.97 33.40
CA LEU B 7 -18.35 -13.88 32.48
C LEU B 7 -17.03 -13.82 31.71
N GLY B 8 -17.13 -13.76 30.39
CA GLY B 8 -15.93 -13.62 29.58
C GLY B 8 -16.06 -12.59 28.50
N ARG B 9 -14.93 -12.50 27.76
CA ARG B 9 -14.91 -11.95 26.42
C ARG B 9 -13.67 -12.44 25.66
N ILE B 10 -13.73 -12.22 24.35
CA ILE B 10 -12.61 -12.38 23.44
C ILE B 10 -11.67 -11.19 23.74
N SER B 11 -10.44 -11.49 24.09
CA SER B 11 -9.50 -10.48 24.57
C SER B 11 -8.12 -10.80 24.04
N ASP B 12 -7.51 -9.79 23.42
CA ASP B 12 -6.09 -9.76 23.11
C ASP B 12 -5.28 -9.12 24.22
N ASP B 13 -5.89 -8.79 25.37
CA ASP B 13 -5.21 -8.11 26.46
C ASP B 13 -5.90 -8.43 27.81
N PRO B 14 -5.81 -9.71 28.24
CA PRO B 14 -6.60 -10.15 29.39
C PRO B 14 -6.39 -9.39 30.68
N ALA B 15 -5.16 -8.92 30.94
CA ALA B 15 -4.87 -8.23 32.20
C ALA B 15 -5.62 -6.91 32.25
N SER B 16 -5.69 -6.23 31.13
CA SER B 16 -6.43 -4.99 31.00
C SER B 16 -7.94 -5.21 30.99
N HIS B 17 -8.40 -6.23 30.28
CA HIS B 17 -9.83 -6.45 30.12
C HIS B 17 -10.50 -6.95 31.41
N TYR B 18 -9.76 -7.68 32.23
CA TYR B 18 -10.21 -8.22 33.50
C TYR B 18 -10.87 -7.18 34.42
N GLU B 19 -10.18 -6.05 34.54
CA GLU B 19 -10.63 -4.89 35.31
C GLU B 19 -11.86 -4.23 34.71
N GLN B 20 -12.10 -4.38 33.41
CA GLN B 20 -13.29 -3.84 32.78
C GLN B 20 -14.53 -4.70 33.05
N LEU B 21 -14.30 -5.99 33.35
CA LEU B 21 -15.37 -6.98 33.55
C LEU B 21 -15.79 -7.19 34.98
N LYS B 22 -14.85 -7.08 35.90
CA LYS B 22 -15.07 -7.46 37.28
C LYS B 22 -16.13 -6.61 37.96
N PRO B 23 -16.12 -5.27 37.75
CA PRO B 23 -17.07 -4.47 38.56
C PRO B 23 -18.52 -4.87 38.25
N LEU B 24 -18.84 -5.12 36.96
CA LEU B 24 -20.18 -5.55 36.60
C LEU B 24 -20.47 -6.97 37.13
N LEU B 25 -19.49 -7.87 37.05
CA LEU B 25 -19.64 -9.16 37.64
C LEU B 25 -19.99 -9.08 39.11
N ASP B 26 -19.23 -8.30 39.88
CA ASP B 26 -19.52 -8.17 41.35
C ASP B 26 -20.89 -7.45 41.65
N TYR B 27 -21.39 -6.64 40.73
CA TYR B 27 -22.78 -6.14 40.89
C TYR B 27 -23.86 -7.22 40.62
N VAL B 28 -23.60 -7.98 39.56
CA VAL B 28 -24.54 -8.99 39.05
C VAL B 28 -24.71 -10.22 39.96
N VAL B 29 -23.56 -10.76 40.42
CA VAL B 29 -23.50 -12.00 41.19
C VAL B 29 -24.42 -12.03 42.43
N PRO B 30 -24.35 -11.02 43.32
CA PRO B 30 -25.27 -10.99 44.46
C PRO B 30 -26.75 -10.99 44.03
N ARG B 31 -27.06 -10.36 42.90
CA ARG B 31 -28.45 -10.28 42.40
C ARG B 31 -28.94 -11.51 41.66
N MET B 32 -28.05 -12.51 41.54
CA MET B 32 -28.40 -13.82 41.02
C MET B 32 -28.46 -14.89 42.11
N ARG B 33 -28.43 -14.49 43.37
CA ARG B 33 -28.44 -15.49 44.41
C ARG B 33 -29.75 -16.29 44.41
N GLU B 34 -30.86 -15.64 44.10
CA GLU B 34 -32.18 -16.29 43.99
C GLU B 34 -32.23 -17.49 43.00
N VAL B 35 -31.37 -17.49 41.97
CA VAL B 35 -31.34 -18.64 41.08
C VAL B 35 -30.13 -19.52 41.34
N GLY B 36 -29.60 -19.52 42.57
CA GLY B 36 -28.54 -20.47 42.95
C GLY B 36 -27.10 -20.05 42.68
N ILE B 37 -26.86 -18.86 42.09
CA ILE B 37 -25.50 -18.41 41.88
C ILE B 37 -24.94 -17.89 43.21
N ARG B 38 -23.74 -18.35 43.59
CA ARG B 38 -23.05 -17.97 44.83
C ARG B 38 -21.83 -17.09 44.57
N ARG B 39 -21.19 -17.25 43.40
CA ARG B 39 -20.02 -16.41 43.10
C ARG B 39 -19.80 -16.30 41.63
N GLY B 40 -18.89 -15.41 41.28
CA GLY B 40 -18.53 -15.13 39.91
C GLY B 40 -17.06 -15.42 39.62
N GLU B 41 -16.79 -15.80 38.38
CA GLU B 41 -15.44 -15.86 37.81
C GLU B 41 -15.41 -15.16 36.47
N ILE B 42 -14.20 -14.80 36.04
CA ILE B 42 -13.96 -14.16 34.78
C ILE B 42 -13.08 -15.09 34.01
N LEU B 43 -13.42 -15.33 32.76
CA LEU B 43 -12.59 -16.12 31.87
C LEU B 43 -12.66 -15.62 30.43
N MET B 44 -11.51 -15.29 29.88
CA MET B 44 -11.37 -14.76 28.57
C MET B 44 -10.61 -15.72 27.67
N ALA B 45 -10.81 -15.50 26.37
CA ALA B 45 -10.24 -16.36 25.35
C ALA B 45 -9.67 -15.46 24.28
N PRO B 46 -8.56 -15.89 23.65
CA PRO B 46 -7.96 -14.95 22.72
C PRO B 46 -8.62 -14.81 21.36
N ASP B 47 -9.62 -15.61 20.99
CA ASP B 47 -10.34 -15.45 19.71
C ASP B 47 -11.73 -16.15 19.77
N ALA B 48 -12.54 -15.96 18.74
CA ALA B 48 -13.92 -16.50 18.72
C ALA B 48 -13.96 -18.00 18.75
N ARG B 49 -13.03 -18.61 18.08
CA ARG B 49 -12.94 -20.07 18.03
C ARG B 49 -12.73 -20.73 19.44
N GLN B 50 -11.78 -20.19 20.16
CA GLN B 50 -11.46 -20.64 21.50
C GLN B 50 -12.59 -20.30 22.48
N MET B 51 -13.14 -19.09 22.38
CA MET B 51 -14.26 -18.76 23.24
C MET B 51 -15.42 -19.72 23.01
N SER B 52 -15.66 -20.03 21.76
CA SER B 52 -16.70 -20.97 21.43
C SER B 52 -16.55 -22.31 22.11
N SER B 53 -15.31 -22.79 22.20
CA SER B 53 -15.05 -24.05 22.93
C SER B 53 -15.45 -23.94 24.41
N TYR B 54 -15.06 -22.86 25.08
CA TYR B 54 -15.43 -22.62 26.46
C TYR B 54 -16.94 -22.62 26.63
N LEU B 55 -17.61 -21.90 25.76
CA LEU B 55 -19.10 -21.86 25.75
C LEU B 55 -19.71 -23.22 25.61
N ARG B 56 -19.24 -23.98 24.62
CA ARG B 56 -19.80 -25.29 24.35
C ARG B 56 -19.54 -26.24 25.54
N ARG B 57 -18.42 -26.05 26.23
CA ARG B 57 -18.10 -26.87 27.38
C ARG B 57 -18.70 -26.37 28.71
N GLY B 58 -19.52 -25.31 28.70
CA GLY B 58 -20.04 -24.73 29.93
C GLY B 58 -19.05 -24.02 30.81
N ARG B 59 -17.89 -23.63 30.26
CA ARG B 59 -16.87 -22.97 31.10
C ARG B 59 -17.06 -21.44 31.18
N VAL B 60 -17.76 -20.89 30.20
CA VAL B 60 -18.13 -19.49 30.19
C VAL B 60 -19.63 -19.46 29.97
N ASP B 61 -20.31 -18.61 30.73
CA ASP B 61 -21.78 -18.50 30.65
C ASP B 61 -22.29 -17.29 29.86
N TRP B 62 -21.55 -16.19 29.92
CA TRP B 62 -22.04 -14.94 29.38
C TRP B 62 -20.85 -14.14 28.83
N VAL B 63 -21.00 -13.59 27.62
CA VAL B 63 -20.04 -12.63 27.07
C VAL B 63 -20.79 -11.41 26.54
N SER B 64 -20.14 -10.25 26.54
CA SER B 64 -20.59 -9.05 25.85
C SER B 64 -19.62 -8.82 24.69
N GLU B 65 -20.11 -8.84 23.46
CA GLU B 65 -19.22 -8.85 22.30
C GLU B 65 -19.85 -7.94 21.26
N THR B 66 -19.05 -7.46 20.32
CA THR B 66 -19.65 -6.81 19.16
C THR B 66 -20.34 -7.89 18.32
N THR B 67 -21.26 -7.44 17.49
CA THR B 67 -22.21 -8.32 16.86
C THR B 67 -21.62 -9.29 15.86
N GLY B 68 -20.51 -8.91 15.22
CA GLY B 68 -19.82 -9.77 14.27
C GLY B 68 -19.17 -10.95 14.97
N ALA B 69 -18.36 -10.64 15.95
CA ALA B 69 -17.82 -11.65 16.88
C ALA B 69 -18.94 -12.54 17.48
N ALA B 70 -20.07 -11.92 17.89
CA ALA B 70 -21.17 -12.68 18.48
C ALA B 70 -21.71 -13.71 17.48
N MET B 71 -21.86 -13.30 16.21
CA MET B 71 -22.26 -14.25 15.17
C MET B 71 -21.25 -15.35 14.91
N LEU B 72 -19.95 -15.10 15.00
CA LEU B 72 -18.95 -16.19 15.00
C LEU B 72 -19.20 -17.25 16.09
N LEU B 73 -19.61 -16.79 17.28
CA LEU B 73 -19.95 -17.70 18.38
C LEU B 73 -21.26 -18.41 18.09
N GLU B 74 -22.32 -17.66 17.69
CA GLU B 74 -23.63 -18.28 17.31
C GLU B 74 -23.55 -19.34 16.21
N GLN B 75 -22.83 -19.03 15.15
CA GLN B 75 -22.61 -19.99 14.04
C GLN B 75 -21.94 -21.30 14.48
N ARG B 76 -21.14 -21.27 15.53
CA ARG B 76 -20.60 -22.51 16.07
C ARG B 76 -21.55 -23.34 17.02
N GLY B 77 -22.77 -22.90 17.31
CA GLY B 77 -23.70 -23.67 18.13
C GLY B 77 -23.59 -23.46 19.63
N SER B 78 -22.69 -22.60 20.04
CA SER B 78 -22.25 -22.47 21.39
C SER B 78 -22.96 -21.36 22.15
N ALA B 79 -23.71 -20.48 21.45
CA ALA B 79 -24.29 -19.31 22.11
C ALA B 79 -25.48 -18.71 21.39
N HIS B 80 -26.31 -18.02 22.16
CA HIS B 80 -27.41 -17.24 21.57
C HIS B 80 -27.57 -15.88 22.27
N PRO B 81 -28.24 -14.92 21.60
CA PRO B 81 -28.42 -13.59 22.17
C PRO B 81 -29.34 -13.54 23.39
N LEU B 82 -28.98 -12.69 24.34
CA LEU B 82 -29.77 -12.42 25.52
C LEU B 82 -30.43 -11.03 25.41
N LEU B 83 -29.61 -9.99 25.15
CA LEU B 83 -29.99 -8.57 25.10
C LEU B 83 -29.14 -7.82 24.07
N MET B 84 -29.69 -6.76 23.49
CA MET B 84 -28.91 -5.81 22.68
C MET B 84 -28.25 -4.79 23.55
N THR B 85 -27.05 -4.43 23.17
CA THR B 85 -26.24 -3.55 23.98
C THR B 85 -25.80 -2.28 23.25
N GLU B 86 -25.89 -1.21 24.02
CA GLU B 86 -25.57 0.14 23.63
C GLU B 86 -24.27 0.49 24.35
N ARG B 87 -23.27 0.98 23.63
CA ARG B 87 -22.04 1.42 24.27
C ARG B 87 -21.71 2.85 23.80
N GLY B 88 -21.17 3.64 24.71
CA GLY B 88 -20.93 5.04 24.44
C GLY B 88 -22.10 5.84 23.91
N GLY B 89 -23.32 5.47 24.27
CA GLY B 89 -24.52 6.14 23.81
C GLY B 89 -25.00 5.74 22.44
N LEU B 90 -24.49 4.66 21.87
CA LEU B 90 -24.74 4.36 20.47
C LEU B 90 -25.16 2.93 20.40
N ARG B 91 -26.27 2.70 19.69
CA ARG B 91 -26.76 1.39 19.44
C ARG B 91 -26.15 0.73 18.24
N ASP B 92 -25.62 1.53 17.33
CA ASP B 92 -25.17 1.10 16.02
C ASP B 92 -23.76 1.57 15.82
N PHE B 93 -23.05 0.91 14.93
CA PHE B 93 -21.81 1.43 14.37
C PHE B 93 -21.61 0.90 12.95
N HIS B 94 -20.66 1.48 12.22
CA HIS B 94 -20.22 0.94 10.94
C HIS B 94 -18.70 1.04 10.79
N THR B 95 -18.23 0.46 9.71
CA THR B 95 -16.86 0.50 9.33
C THR B 95 -16.64 1.54 8.28
N LEU B 96 -15.57 2.30 8.48
CA LEU B 96 -15.10 3.17 7.43
C LEU B 96 -13.71 2.76 6.90
N PHE B 97 -13.50 3.00 5.61
CA PHE B 97 -12.26 2.81 4.92
C PHE B 97 -11.62 4.16 4.80
N PHE B 98 -10.36 4.28 5.19
CA PHE B 98 -9.68 5.53 5.12
C PHE B 98 -8.34 5.31 4.37
N VAL B 99 -7.84 6.38 3.77
CA VAL B 99 -6.57 6.41 3.04
C VAL B 99 -5.80 7.68 3.37
N ARG B 100 -4.53 7.78 3.01
CA ARG B 100 -3.81 9.06 3.14
C ARG B 100 -4.45 10.03 2.18
N ARG B 101 -4.47 11.33 2.52
CA ARG B 101 -5.13 12.32 1.62
C ARG B 101 -4.65 12.34 0.18
N ASP B 102 -3.34 12.11 0.00
CA ASP B 102 -2.67 12.02 -1.31
C ASP B 102 -2.79 10.65 -2.02
N SER B 103 -3.60 9.71 -1.51
CA SER B 103 -3.82 8.43 -2.23
C SER B 103 -4.62 8.71 -3.52
N PRO B 104 -4.40 7.95 -4.59
CA PRO B 104 -5.31 8.08 -5.73
C PRO B 104 -6.70 7.43 -5.48
N ILE B 105 -6.84 6.68 -4.38
CA ILE B 105 -8.10 6.02 -4.03
C ILE B 105 -9.16 7.01 -3.54
N HIS B 106 -10.33 7.00 -4.19
CA HIS B 106 -11.51 7.75 -3.74
C HIS B 106 -12.74 6.89 -3.53
N SER B 107 -12.70 5.60 -3.79
CA SER B 107 -13.88 4.79 -3.64
C SER B 107 -13.53 3.33 -3.54
N LEU B 108 -14.48 2.57 -3.05
CA LEU B 108 -14.26 1.18 -2.75
C LEU B 108 -13.94 0.39 -4.00
N SER B 109 -14.58 0.70 -5.12
CA SER B 109 -14.31 0.00 -6.43
C SER B 109 -12.79 0.01 -6.82
N GLN B 110 -12.09 1.05 -6.39
CA GLN B 110 -10.63 1.10 -6.64
C GLN B 110 -9.78 0.19 -5.76
N LEU B 111 -10.35 -0.59 -4.83
CA LEU B 111 -9.50 -1.42 -3.95
C LEU B 111 -8.90 -2.65 -4.62
N ARG B 112 -9.38 -3.02 -5.80
CA ARG B 112 -8.72 -4.11 -6.55
C ARG B 112 -7.30 -3.72 -6.85
N GLY B 113 -6.37 -4.65 -6.69
CA GLY B 113 -4.94 -4.33 -6.86
C GLY B 113 -4.35 -3.48 -5.73
N HIS B 114 -5.11 -3.22 -4.68
CA HIS B 114 -4.63 -2.44 -3.52
C HIS B 114 -4.71 -3.21 -2.19
N THR B 115 -4.11 -2.63 -1.17
CA THR B 115 -4.00 -3.29 0.08
C THR B 115 -4.77 -2.63 1.19
N LEU B 116 -5.13 -3.48 2.16
CA LEU B 116 -6.04 -3.13 3.27
C LEU B 116 -5.48 -3.65 4.58
N ALA B 117 -5.37 -2.76 5.57
CA ALA B 117 -4.88 -3.11 6.89
C ALA B 117 -6.04 -3.45 7.82
N LEU B 118 -6.07 -4.66 8.35
CA LEU B 118 -7.19 -5.12 9.21
C LEU B 118 -6.63 -5.47 10.60
N GLN B 119 -7.54 -5.63 11.56
CA GLN B 119 -7.12 -5.78 12.96
C GLN B 119 -6.87 -7.22 13.39
N ASN B 120 -7.93 -7.99 13.63
CA ASN B 120 -7.81 -9.41 14.04
C ASN B 120 -9.07 -10.12 13.48
N ALA B 121 -8.96 -11.43 13.32
CA ALA B 121 -10.05 -12.22 12.72
C ALA B 121 -11.31 -12.34 13.63
N SER B 122 -11.32 -11.80 14.86
CA SER B 122 -12.55 -11.74 15.67
C SER B 122 -13.21 -10.33 15.73
N SER B 123 -12.65 -9.37 14.98
CA SER B 123 -13.11 -8.00 14.95
C SER B 123 -14.31 -7.78 14.00
N THR B 124 -15.38 -7.20 14.52
CA THR B 124 -16.48 -6.82 13.68
C THR B 124 -16.03 -5.69 12.74
N SER B 125 -15.65 -4.54 13.33
CA SER B 125 -15.41 -3.31 12.58
C SER B 125 -14.05 -3.35 11.83
N GLY B 126 -13.14 -4.19 12.29
CA GLY B 126 -11.75 -4.18 11.79
C GLY B 126 -11.40 -5.38 10.97
N TYR B 127 -12.43 -6.19 10.64
CA TYR B 127 -12.23 -7.42 9.87
C TYR B 127 -13.50 -7.88 9.17
N LEU B 128 -14.53 -8.25 9.94
CA LEU B 128 -15.73 -8.85 9.36
C LEU B 128 -16.44 -7.89 8.42
N LEU B 129 -16.79 -6.69 8.90
CA LEU B 129 -17.57 -5.74 8.08
C LEU B 129 -16.78 -5.34 6.86
N PRO B 130 -15.47 -4.98 7.03
CA PRO B 130 -14.78 -4.51 5.81
C PRO B 130 -14.60 -5.61 4.76
N MET B 131 -14.34 -6.86 5.21
CA MET B 131 -14.18 -8.00 4.29
C MET B 131 -15.52 -8.27 3.60
N LEU B 132 -16.59 -8.30 4.39
CA LEU B 132 -17.95 -8.41 3.82
C LEU B 132 -18.28 -7.32 2.79
N GLU B 133 -17.94 -6.07 3.09
CA GLU B 133 -18.16 -4.95 2.13
C GLU B 133 -17.47 -5.19 0.78
N LEU B 134 -16.25 -5.71 0.83
CA LEU B 134 -15.49 -6.04 -0.38
C LEU B 134 -16.13 -7.16 -1.18
N LEU B 135 -16.52 -8.23 -0.48
CA LEU B 135 -17.20 -9.34 -1.13
C LEU B 135 -18.55 -8.94 -1.72
N ARG B 136 -19.33 -8.10 -1.03
CA ARG B 136 -20.61 -7.60 -1.59
C ARG B 136 -20.44 -6.76 -2.89
N ASN B 137 -19.28 -6.15 -3.08
CA ASN B 137 -18.99 -5.40 -4.29
C ASN B 137 -18.16 -6.16 -5.28
N GLY B 138 -18.09 -7.48 -5.15
CA GLY B 138 -17.46 -8.35 -6.14
C GLY B 138 -15.95 -8.36 -6.16
N ILE B 139 -15.35 -7.96 -5.05
CA ILE B 139 -13.92 -7.89 -4.88
C ILE B 139 -13.42 -8.99 -3.95
N ALA B 140 -12.72 -9.96 -4.52
CA ALA B 140 -12.07 -10.98 -3.75
C ALA B 140 -10.93 -10.38 -2.93
N CYS B 141 -10.66 -10.97 -1.77
CA CYS B 141 -9.54 -10.57 -0.87
C CYS B 141 -8.60 -11.71 -0.52
N ASP B 142 -7.31 -11.53 -0.79
CA ASP B 142 -6.31 -12.53 -0.43
C ASP B 142 -5.52 -12.11 0.78
N VAL B 143 -5.18 -13.08 1.64
CA VAL B 143 -4.34 -12.75 2.75
C VAL B 143 -2.91 -12.41 2.25
N LEU B 144 -2.35 -11.31 2.77
CA LEU B 144 -0.92 -10.95 2.55
C LEU B 144 -0.03 -11.29 3.74
N LEU B 145 1.17 -11.78 3.45
CA LEU B 145 2.09 -12.09 4.55
C LEU B 145 2.71 -10.83 5.22
N SER B 146 3.07 -9.83 4.44
CA SER B 146 3.62 -8.61 5.02
C SER B 146 3.30 -7.54 4.04
N ALA B 147 3.75 -6.32 4.36
CA ALA B 147 3.51 -5.18 3.48
C ALA B 147 4.31 -5.24 2.18
N ASP B 148 5.27 -6.15 2.07
CA ASP B 148 6.03 -6.39 0.83
C ASP B 148 5.35 -7.36 -0.11
N ASP B 149 4.32 -8.02 0.40
CA ASP B 149 3.57 -9.02 -0.33
C ASP B 149 2.47 -8.27 -1.08
N THR B 150 2.33 -8.61 -2.34
CA THR B 150 1.64 -7.80 -3.32
C THR B 150 0.33 -8.48 -3.74
N PRO B 151 -0.77 -7.72 -3.80
CA PRO B 151 -2.06 -8.36 -4.18
C PRO B 151 -2.09 -8.69 -5.68
N ALA B 152 -2.96 -9.59 -6.10
CA ALA B 152 -3.27 -9.77 -7.50
C ALA B 152 -3.91 -8.48 -8.01
N ARG B 153 -3.69 -8.18 -9.29
CA ARG B 153 -4.18 -6.96 -9.94
C ARG B 153 -5.71 -6.82 -9.82
N GLY B 154 -6.41 -7.93 -9.87
CA GLY B 154 -7.87 -7.93 -9.84
C GLY B 154 -8.54 -8.18 -8.51
N SER B 155 -7.74 -8.31 -7.43
CA SER B 155 -8.29 -8.58 -6.11
C SER B 155 -7.72 -7.60 -5.08
N ALA B 156 -8.38 -7.49 -3.92
CA ALA B 156 -7.75 -6.86 -2.71
C ALA B 156 -6.80 -7.84 -2.06
N GLY B 157 -5.78 -7.31 -1.37
CA GLY B 157 -5.00 -8.06 -0.40
C GLY B 157 -5.15 -7.44 0.99
N TYR B 158 -5.22 -8.26 2.04
CA TYR B 158 -5.28 -7.71 3.39
C TYR B 158 -4.09 -8.15 4.22
N LEU B 159 -3.66 -7.26 5.12
CA LEU B 159 -2.60 -7.58 6.06
C LEU B 159 -3.26 -7.45 7.45
N MET B 160 -3.15 -8.50 8.26
CA MET B 160 -3.57 -8.48 9.67
C MET B 160 -2.46 -7.73 10.45
N VAL B 161 -2.75 -6.56 10.99
CA VAL B 161 -1.73 -5.77 11.70
C VAL B 161 -1.87 -5.65 13.22
N GLY B 162 -3.01 -6.09 13.77
CA GLY B 162 -3.25 -6.03 15.20
C GLY B 162 -4.05 -4.80 15.64
N SER B 163 -3.36 -3.88 16.27
CA SER B 163 -3.96 -2.76 16.98
C SER B 163 -4.51 -1.70 16.00
N LYS B 164 -5.46 -0.91 16.50
CA LYS B 164 -6.04 0.21 15.76
C LYS B 164 -5.00 1.25 15.35
N LEU B 165 -4.03 1.43 16.23
CA LEU B 165 -2.90 2.29 15.98
C LEU B 165 -2.04 1.74 14.84
N ASN B 166 -1.85 0.42 14.76
CA ASN B 166 -1.14 -0.15 13.61
C ASN B 166 -1.84 0.02 12.29
N VAL B 167 -3.17 -0.05 12.32
CA VAL B 167 -3.97 0.19 11.13
C VAL B 167 -3.63 1.58 10.59
N ALA B 168 -3.70 2.59 11.45
CA ALA B 168 -3.33 3.96 11.11
C ALA B 168 -1.82 4.08 10.70
N ALA B 169 -0.94 3.46 11.45
CA ALA B 169 0.51 3.57 11.18
C ALA B 169 0.90 2.96 9.83
N PHE B 170 0.38 1.78 9.50
CA PHE B 170 0.72 1.15 8.20
C PHE B 170 0.22 1.98 7.00
N VAL B 171 -0.95 2.59 7.13
CA VAL B 171 -1.44 3.55 6.13
C VAL B 171 -0.59 4.84 6.09
N HIS B 172 -0.33 5.43 7.23
CA HIS B 172 0.38 6.72 7.25
C HIS B 172 1.81 6.59 6.67
N LYS B 173 2.47 5.46 6.96
CA LYS B 173 3.82 5.24 6.53
C LYS B 173 3.96 4.70 5.10
N HIS B 174 2.89 4.74 4.29
CA HIS B 174 2.94 4.37 2.89
C HIS B 174 3.14 2.87 2.67
N LEU B 175 2.87 2.03 3.67
CA LEU B 175 3.11 0.59 3.57
C LEU B 175 1.88 -0.15 2.99
N ILE B 176 0.71 0.37 3.29
CA ILE B 176 -0.56 -0.22 3.00
C ILE B 176 -1.50 0.92 2.50
N ASP B 177 -2.28 0.65 1.46
CA ASP B 177 -3.19 1.65 0.87
C ASP B 177 -4.32 2.17 1.77
N VAL B 178 -5.02 1.26 2.41
CA VAL B 178 -6.32 1.56 3.04
C VAL B 178 -6.38 0.92 4.40
N GLY B 179 -7.07 1.59 5.32
CA GLY B 179 -7.31 1.04 6.61
C GLY B 179 -8.79 0.96 6.90
N ALA B 180 -9.13 0.08 7.86
CA ALA B 180 -10.50 -0.16 8.27
C ALA B 180 -10.62 0.13 9.77
N LEU B 181 -11.57 0.99 10.13
CA LEU B 181 -11.91 1.27 11.53
C LEU B 181 -13.35 1.46 11.63
N SER B 182 -13.86 1.29 12.85
CA SER B 182 -15.23 1.72 13.14
C SER B 182 -15.34 3.26 13.15
N ASN B 183 -16.49 3.77 12.77
CA ASN B 183 -16.80 5.21 12.89
C ASN B 183 -16.61 5.75 14.31
N VAL B 184 -16.90 4.92 15.32
CA VAL B 184 -16.69 5.26 16.73
C VAL B 184 -15.17 5.44 17.01
N ASP B 185 -14.39 4.48 16.54
CA ASP B 185 -12.93 4.51 16.72
C ASP B 185 -12.29 5.67 15.98
N TRP B 186 -12.87 6.00 14.81
CA TRP B 186 -12.45 7.20 14.08
C TRP B 186 -12.58 8.51 14.86
N ASP B 187 -13.66 8.67 15.63
CA ASP B 187 -13.90 9.91 16.39
C ASP B 187 -13.31 9.85 17.79
N ASP B 188 -12.61 8.79 18.11
CA ASP B 188 -12.03 8.58 19.42
C ASP B 188 -10.55 8.98 19.30
N GLU B 189 -10.19 10.05 19.97
CA GLU B 189 -8.84 10.57 19.82
C GLU B 189 -7.78 9.69 20.44
N ARG B 190 -8.20 8.72 21.24
CA ARG B 190 -7.31 7.68 21.78
C ARG B 190 -6.60 6.84 20.70
N HIS B 191 -7.37 6.21 19.83
CA HIS B 191 -6.81 5.34 18.79
C HIS B 191 -6.49 6.08 17.50
N MET B 192 -7.36 7.03 17.16
CA MET B 192 -7.17 7.88 16.00
C MET B 192 -6.93 9.33 16.46
N PRO B 193 -5.73 9.61 16.98
CA PRO B 193 -5.51 10.99 17.39
C PRO B 193 -5.47 11.94 16.19
N PRO B 194 -5.83 13.19 16.41
CA PRO B 194 -5.81 14.21 15.38
C PRO B 194 -4.51 14.25 14.57
N VAL B 195 -3.37 13.98 15.19
CA VAL B 195 -2.13 13.99 14.40
C VAL B 195 -1.97 12.91 13.28
N PHE B 196 -2.71 11.79 13.36
CA PHE B 196 -2.98 10.91 12.21
C PHE B 196 -4.17 11.40 11.41
N LYS B 197 -5.26 11.65 12.11
CA LYS B 197 -6.54 11.83 11.47
C LYS B 197 -6.48 12.92 10.40
N ARG B 198 -5.74 13.99 10.66
CA ARG B 198 -5.70 15.12 9.71
C ARG B 198 -5.09 14.73 8.32
N ASP B 199 -4.27 13.70 8.31
CA ASP B 199 -3.53 13.24 7.16
C ASP B 199 -4.30 12.15 6.41
N PHE B 200 -5.50 11.82 6.87
CA PHE B 200 -6.35 10.81 6.24
C PHE B 200 -7.67 11.37 5.70
N ARG B 201 -8.27 10.56 4.85
CA ARG B 201 -9.49 10.86 4.14
C ARG B 201 -10.36 9.55 4.12
N ILE B 202 -11.66 9.66 4.36
CA ILE B 202 -12.56 8.53 4.28
C ILE B 202 -12.97 8.31 2.88
N VAL B 203 -12.95 7.08 2.42
CA VAL B 203 -13.39 6.80 1.07
C VAL B 203 -14.61 5.90 0.97
N HIS B 204 -15.03 5.28 2.05
CA HIS B 204 -16.24 4.42 1.97
C HIS B 204 -16.74 4.21 3.36
N ARG B 205 -18.07 4.11 3.50
CA ARG B 205 -18.70 3.73 4.77
C ARG B 205 -19.63 2.58 4.53
N THR B 206 -19.58 1.53 5.35
CA THR B 206 -20.52 0.42 5.24
C THR B 206 -21.90 0.79 5.85
N ALA B 207 -22.89 -0.01 5.54
CA ALA B 207 -24.16 0.05 6.26
C ALA B 207 -23.95 -0.26 7.77
N PRO B 208 -24.79 0.34 8.61
CA PRO B 208 -24.61 0.14 10.04
C PRO B 208 -25.15 -1.22 10.53
N VAL B 209 -24.57 -1.71 11.61
CA VAL B 209 -25.09 -2.87 12.30
C VAL B 209 -25.24 -2.52 13.73
N PRO B 210 -26.02 -3.33 14.48
CA PRO B 210 -26.03 -3.07 15.94
C PRO B 210 -24.62 -3.23 16.56
N ARG B 211 -24.37 -2.43 17.58
CA ARG B 211 -23.06 -2.18 18.14
CA ARG B 211 -23.07 -2.17 18.15
C ARG B 211 -22.55 -3.40 18.90
N ALA B 212 -23.39 -3.97 19.77
CA ALA B 212 -23.00 -5.09 20.66
C ALA B 212 -24.20 -5.81 21.21
N VAL B 213 -23.91 -6.94 21.87
CA VAL B 213 -24.93 -7.89 22.24
C VAL B 213 -24.39 -8.78 23.39
N GLU B 214 -25.24 -9.04 24.37
CA GLU B 214 -24.93 -9.93 25.46
C GLU B 214 -25.33 -11.27 24.96
N MET B 215 -24.39 -12.23 24.92
CA MET B 215 -24.64 -13.59 24.49
C MET B 215 -24.52 -14.52 25.69
N VAL B 216 -25.33 -15.57 25.73
CA VAL B 216 -25.21 -16.57 26.79
C VAL B 216 -24.99 -17.93 26.13
N ARG B 217 -24.37 -18.85 26.86
CA ARG B 217 -24.06 -20.18 26.30
C ARG B 217 -25.30 -21.01 26.08
N THR B 218 -25.20 -21.96 25.15
CA THR B 218 -26.21 -22.98 25.01
C THR B 218 -26.31 -23.74 26.31
N GLY B 219 -27.55 -24.12 26.67
CA GLY B 219 -27.78 -24.99 27.77
C GLY B 219 -27.79 -24.40 29.13
N MET B 220 -27.83 -23.06 29.23
N MET B 220 -27.75 -23.07 29.24
CA MET B 220 -27.99 -22.38 30.53
CA MET B 220 -27.84 -22.38 30.55
C MET B 220 -29.27 -22.83 31.17
C MET B 220 -29.20 -22.71 31.16
N ASP B 221 -29.26 -23.02 32.47
CA ASP B 221 -30.54 -23.22 33.17
C ASP B 221 -31.54 -22.09 32.82
N PRO B 222 -32.75 -22.44 32.42
CA PRO B 222 -33.71 -21.39 32.00
C PRO B 222 -34.00 -20.31 33.06
N ALA B 223 -34.22 -20.68 34.32
CA ALA B 223 -34.38 -19.68 35.38
C ALA B 223 -33.17 -18.73 35.48
N VAL B 224 -31.95 -19.27 35.34
CA VAL B 224 -30.75 -18.47 35.48
C VAL B 224 -30.63 -17.45 34.33
N GLU B 225 -30.86 -17.93 33.10
CA GLU B 225 -30.84 -17.08 31.89
C GLU B 225 -31.86 -15.94 31.99
N GLN B 226 -33.10 -16.28 32.35
CA GLN B 226 -34.08 -15.24 32.50
C GLN B 226 -33.74 -14.26 33.64
N ARG B 227 -33.14 -14.72 34.75
CA ARG B 227 -32.79 -13.78 35.83
C ARG B 227 -31.67 -12.83 35.40
N LEU B 228 -30.72 -13.39 34.67
CA LEU B 228 -29.62 -12.61 34.16
C LEU B 228 -30.17 -11.50 33.24
N ARG B 229 -31.12 -11.82 32.37
CA ARG B 229 -31.78 -10.80 31.55
C ARG B 229 -32.36 -9.70 32.38
N VAL B 230 -33.07 -10.06 33.44
CA VAL B 230 -33.76 -9.07 34.26
C VAL B 230 -32.77 -8.18 35.04
N VAL B 231 -31.73 -8.80 35.59
CA VAL B 231 -30.72 -8.06 36.36
C VAL B 231 -30.00 -7.05 35.47
N LEU B 232 -29.71 -7.46 34.27
CA LEU B 232 -28.97 -6.54 33.36
C LEU B 232 -29.88 -5.41 32.85
N LEU B 233 -31.10 -5.69 32.44
CA LEU B 233 -32.08 -4.63 32.14
C LEU B 233 -32.23 -3.61 33.25
N GLN B 234 -32.28 -4.08 34.50
CA GLN B 234 -32.47 -3.22 35.67
C GLN B 234 -31.15 -2.45 35.95
N ALA B 235 -29.98 -3.08 35.70
CA ALA B 235 -28.66 -2.43 35.94
C ALA B 235 -28.56 -1.10 35.21
N ALA B 236 -29.06 -1.10 33.98
CA ALA B 236 -28.99 0.05 33.11
C ALA B 236 -29.74 1.28 33.64
N SER B 237 -30.77 1.10 34.45
CA SER B 237 -31.49 2.24 35.10
C SER B 237 -31.18 2.40 36.61
N ASP B 238 -30.31 1.56 37.16
CA ASP B 238 -29.94 1.56 38.59
C ASP B 238 -28.67 2.45 38.79
N PRO B 239 -28.75 3.56 39.55
CA PRO B 239 -27.54 4.38 39.93
C PRO B 239 -26.34 3.58 40.49
N LYS B 240 -26.62 2.55 41.25
CA LYS B 240 -25.58 1.74 41.87
C LYS B 240 -24.71 0.96 40.85
N ALA B 241 -25.21 0.77 39.63
CA ALA B 241 -24.48 0.05 38.63
C ALA B 241 -23.73 1.01 37.68
N GLY B 242 -23.89 2.33 37.88
CA GLY B 242 -23.40 3.37 36.93
C GLY B 242 -21.91 3.24 36.70
N PRO B 243 -21.12 3.23 37.79
CA PRO B 243 -19.70 3.12 37.57
C PRO B 243 -19.28 1.76 36.96
N ALA B 244 -19.94 0.66 37.34
CA ALA B 244 -19.59 -0.66 36.78
C ALA B 244 -19.91 -0.69 35.29
N LEU B 245 -21.01 -0.08 34.90
CA LEU B 245 -21.35 -0.07 33.47
C LEU B 245 -20.35 0.77 32.64
N LYS B 246 -19.91 1.89 33.21
CA LYS B 246 -18.95 2.74 32.54
C LYS B 246 -17.63 2.01 32.31
N ARG B 247 -17.21 1.21 33.29
CA ARG B 247 -16.02 0.37 33.18
C ARG B 247 -16.17 -0.82 32.19
N PHE B 248 -17.39 -1.34 32.11
CA PHE B 248 -17.78 -2.42 31.16
C PHE B 248 -17.97 -1.86 29.76
N PHE B 249 -16.86 -1.41 29.15
CA PHE B 249 -16.88 -0.90 27.74
C PHE B 249 -17.86 0.24 27.56
N ASP B 250 -18.00 1.06 28.61
CA ASP B 250 -18.93 2.20 28.59
C ASP B 250 -20.35 1.85 28.09
N THR B 251 -20.87 0.78 28.63
CA THR B 251 -22.22 0.41 28.32
C THR B 251 -23.24 1.45 28.79
N THR B 252 -24.04 1.97 27.89
CA THR B 252 -25.00 3.02 28.29
C THR B 252 -26.44 2.48 28.29
N GLY B 253 -26.62 1.21 27.95
CA GLY B 253 -27.93 0.58 28.00
C GLY B 253 -27.98 -0.84 27.48
N PHE B 254 -29.02 -1.53 27.92
CA PHE B 254 -29.34 -2.85 27.46
C PHE B 254 -30.78 -2.77 27.03
N ARG B 255 -31.15 -3.46 25.98
CA ARG B 255 -32.54 -3.60 25.61
C ARG B 255 -32.94 -4.99 25.20
N PRO B 256 -34.25 -5.29 25.41
CA PRO B 256 -34.79 -6.56 24.97
C PRO B 256 -34.47 -6.81 23.53
N LEU B 257 -34.43 -8.09 23.19
CA LEU B 257 -34.37 -8.45 21.78
C LEU B 257 -35.74 -8.13 21.18
N ASP B 258 -35.81 -7.88 19.89
CA ASP B 258 -37.08 -7.61 19.21
C ASP B 258 -36.92 -8.08 17.76
N PRO B 259 -38.05 -8.22 16.99
CA PRO B 259 -37.86 -8.78 15.64
C PRO B 259 -36.89 -7.99 14.78
N THR B 260 -36.75 -6.68 15.02
CA THR B 260 -35.77 -5.91 14.24
C THR B 260 -34.33 -6.31 14.55
N SER B 261 -33.97 -6.37 15.85
CA SER B 261 -32.64 -6.81 16.25
C SER B 261 -32.34 -8.21 15.71
N ARG B 262 -33.32 -9.10 15.76
CA ARG B 262 -33.10 -10.48 15.30
C ARG B 262 -32.86 -10.59 13.82
N ARG B 263 -33.63 -9.82 13.06
CA ARG B 263 -33.43 -9.73 11.63
C ARG B 263 -32.04 -9.14 11.30
N ARG B 264 -31.67 -8.00 11.91
CA ARG B 264 -30.35 -7.39 11.67
C ARG B 264 -29.23 -8.39 12.02
N LEU B 265 -29.39 -9.17 13.09
CA LEU B 265 -28.37 -10.19 13.47
C LEU B 265 -28.29 -11.32 12.51
N GLN B 266 -29.42 -11.76 11.97
CA GLN B 266 -29.41 -12.82 11.00
C GLN B 266 -28.78 -12.36 9.65
N GLU B 267 -29.08 -11.16 9.21
CA GLU B 267 -28.46 -10.58 8.00
C GLU B 267 -26.95 -10.50 8.21
N LEU B 268 -26.53 -9.96 9.37
CA LEU B 268 -25.10 -9.92 9.71
C LEU B 268 -24.45 -11.30 9.70
N SER B 269 -25.09 -12.28 10.35
CA SER B 269 -24.58 -13.66 10.38
C SER B 269 -24.44 -14.28 8.99
N ALA B 270 -25.42 -14.07 8.11
CA ALA B 270 -25.26 -14.49 6.72
C ALA B 270 -24.00 -13.81 6.06
N GLY B 271 -23.83 -12.50 6.27
CA GLY B 271 -22.60 -11.80 5.83
C GLY B 271 -21.36 -12.43 6.43
N VAL B 272 -21.35 -12.61 7.73
CA VAL B 272 -20.22 -13.19 8.41
C VAL B 272 -19.89 -14.55 7.82
N GLN B 273 -20.89 -15.36 7.56
CA GLN B 273 -20.66 -16.64 6.91
C GLN B 273 -19.98 -16.51 5.54
N ARG B 274 -20.38 -15.53 4.73
CA ARG B 274 -19.70 -15.27 3.44
C ARG B 274 -18.25 -14.98 3.64
N VAL B 275 -17.95 -14.19 4.67
CA VAL B 275 -16.55 -13.85 4.95
C VAL B 275 -15.78 -15.10 5.31
N ARG B 276 -16.36 -15.93 6.19
CA ARG B 276 -15.64 -17.12 6.61
C ARG B 276 -15.41 -18.04 5.46
N ASP B 277 -16.43 -18.22 4.61
CA ASP B 277 -16.23 -19.11 3.44
C ASP B 277 -15.17 -18.60 2.47
N HIS B 278 -14.97 -17.31 2.38
CA HIS B 278 -13.97 -16.75 1.51
C HIS B 278 -12.52 -16.89 2.09
N VAL B 279 -12.35 -16.87 3.41
CA VAL B 279 -11.05 -16.68 4.04
C VAL B 279 -10.51 -17.80 4.94
N GLU B 280 -11.41 -18.52 5.60
CA GLU B 280 -11.02 -19.35 6.74
C GLU B 280 -10.25 -20.59 6.35
#